data_1UYX
#
_entry.id   1UYX
#
_cell.length_a   63.550
_cell.length_b   67.650
_cell.length_c   85.290
_cell.angle_alpha   90.00
_cell.angle_beta   90.00
_cell.angle_gamma   90.00
#
_symmetry.space_group_name_H-M   'P 21 21 21'
#
loop_
_entity.id
_entity.type
_entity.pdbx_description
1 polymer 'CELLULASE B'
2 branched beta-D-glucopyranose-(1-4)-beta-D-glucopyranose
3 non-polymer 'CALCIUM ION'
4 water water
#
_entity_poly.entity_id   1
_entity_poly.type   'polypeptide(L)'
_entity_poly.pdbx_seq_one_letter_code
;MVIATIQAEDHSQQSGTQQETTTDTGGGKNVGYIDAGDWLSYAGTPVNIPSSGSYLIEYRVASQNGGGSLTFEEAGGAPV
HGTIAIPATGGWQTWTTIQHTVNLSAGSHQFGIKANAGGWNLNWIRINKTH
;
_entity_poly.pdbx_strand_id   A,B
#
loop_
_chem_comp.id
_chem_comp.type
_chem_comp.name
_chem_comp.formula
BGC D-saccharide, beta linking beta-D-glucopyranose 'C6 H12 O6'
CA non-polymer 'CALCIUM ION' 'Ca 2'
#
# COMPACT_ATOMS: atom_id res chain seq x y z
N MET A 1 2.26 13.68 7.49
CA MET A 1 1.13 13.09 6.73
C MET A 1 1.10 11.56 6.88
N VAL A 2 0.36 10.89 5.99
CA VAL A 2 0.17 9.45 6.02
C VAL A 2 1.32 8.72 5.34
N ILE A 3 1.90 7.76 6.05
CA ILE A 3 2.94 6.87 5.52
C ILE A 3 2.30 5.69 4.81
N ALA A 4 1.34 5.05 5.46
CA ALA A 4 0.64 3.92 4.88
C ALA A 4 -0.72 3.71 5.52
N THR A 5 -1.69 3.28 4.72
CA THR A 5 -2.92 2.67 5.21
C THR A 5 -2.89 1.22 4.78
N ILE A 6 -3.10 0.32 5.74
CA ILE A 6 -3.13 -1.12 5.49
C ILE A 6 -4.50 -1.63 5.90
N GLN A 7 -5.27 -2.14 4.95
CA GLN A 7 -6.52 -2.83 5.30
C GLN A 7 -6.18 -4.11 6.05
N ALA A 8 -6.86 -4.34 7.17
CA ALA A 8 -6.49 -5.43 8.07
C ALA A 8 -6.55 -6.80 7.43
N GLU A 9 -7.50 -6.97 6.53
CA GLU A 9 -7.69 -8.21 5.79
C GLU A 9 -6.63 -8.49 4.73
N ASP A 10 -5.81 -7.48 4.40
CA ASP A 10 -4.77 -7.61 3.37
C ASP A 10 -3.45 -8.12 3.93
N HIS A 11 -3.56 -9.08 4.84
CA HIS A 11 -2.41 -9.74 5.42
C HIS A 11 -1.85 -10.81 4.49
N SER A 12 -0.54 -10.99 4.51
CA SER A 12 0.10 -12.07 3.75
C SER A 12 0.08 -13.42 4.47
N GLN A 13 -0.05 -13.38 5.79
CA GLN A 13 -0.30 -14.57 6.61
C GLN A 13 -1.11 -14.20 7.83
N GLN A 14 -1.78 -15.18 8.43
CA GLN A 14 -2.54 -14.95 9.66
C GLN A 14 -2.68 -16.24 10.45
N SER A 15 -3.10 -16.09 11.69
CA SER A 15 -3.45 -17.23 12.54
C SER A 15 -4.69 -16.93 13.38
N GLY A 16 -5.69 -17.80 13.27
CA GLY A 16 -6.81 -17.83 14.19
C GLY A 16 -8.01 -16.95 13.89
N THR A 17 -7.96 -16.20 12.79
CA THR A 17 -8.99 -15.20 12.49
C THR A 17 -9.71 -15.52 11.19
N GLN A 18 -10.71 -14.68 10.89
CA GLN A 18 -11.50 -14.82 9.68
C GLN A 18 -12.00 -13.45 9.24
N GLN A 19 -12.05 -13.26 7.93
CA GLN A 19 -12.57 -12.07 7.31
C GLN A 19 -14.10 -12.05 7.37
N GLU A 20 -14.68 -10.86 7.42
CA GLU A 20 -16.13 -10.69 7.36
C GLU A 20 -16.48 -9.31 6.80
N THR A 21 -17.69 -9.17 6.31
CA THR A 21 -18.14 -7.90 5.73
C THR A 21 -18.26 -6.87 6.84
N THR A 22 -17.81 -5.65 6.57
CA THR A 22 -17.99 -4.54 7.50
C THR A 22 -18.97 -3.50 6.94
N THR A 23 -19.74 -2.90 7.85
CA THR A 23 -20.61 -1.77 7.51
C THR A 23 -20.01 -0.42 7.89
N ASP A 24 -18.74 -0.41 8.29
CA ASP A 24 -18.02 0.84 8.49
C ASP A 24 -17.96 1.65 7.20
N THR A 25 -17.70 2.95 7.33
CA THR A 25 -17.49 3.85 6.19
C THR A 25 -16.53 3.24 5.17
N GLY A 26 -16.95 3.19 3.92
CA GLY A 26 -16.15 2.62 2.85
C GLY A 26 -16.41 1.15 2.56
N GLY A 27 -17.15 0.49 3.45
CA GLY A 27 -17.46 -0.92 3.30
C GLY A 27 -16.22 -1.81 3.23
N GLY A 28 -16.31 -2.88 2.45
CA GLY A 28 -15.25 -3.86 2.34
C GLY A 28 -15.34 -4.90 3.45
N LYS A 29 -14.19 -5.22 4.02
CA LYS A 29 -14.08 -6.30 5.00
C LYS A 29 -13.34 -5.87 6.26
N ASN A 30 -13.62 -6.54 7.37
CA ASN A 30 -12.79 -6.44 8.57
C ASN A 30 -12.31 -7.82 9.00
N VAL A 31 -11.29 -7.85 9.85
CA VAL A 31 -10.86 -9.09 10.50
C VAL A 31 -11.68 -9.27 11.75
N GLY A 32 -12.18 -10.49 11.95
CA GLY A 32 -12.93 -10.84 13.14
C GLY A 32 -12.47 -12.15 13.75
N TYR A 33 -13.20 -12.58 14.76
CA TYR A 33 -12.88 -13.80 15.52
C TYR A 33 -11.44 -13.77 16.03
N ILE A 34 -11.11 -12.65 16.65
CA ILE A 34 -9.81 -12.41 17.23
C ILE A 34 -9.79 -12.82 18.70
N ASP A 35 -8.78 -13.60 19.06
CA ASP A 35 -8.59 -14.11 20.42
C ASP A 35 -7.12 -14.06 20.79
N ALA A 36 -6.81 -14.21 22.08
CA ALA A 36 -5.43 -14.28 22.55
C ALA A 36 -4.62 -15.32 21.77
N GLY A 37 -3.47 -14.89 21.27
CA GLY A 37 -2.58 -15.73 20.50
C GLY A 37 -2.68 -15.53 18.99
N ASP A 38 -3.82 -15.02 18.54
CA ASP A 38 -4.06 -14.81 17.11
C ASP A 38 -3.16 -13.68 16.60
N TRP A 39 -2.86 -13.72 15.32
CA TRP A 39 -1.97 -12.72 14.73
C TRP A 39 -2.20 -12.49 13.25
N LEU A 40 -1.69 -11.35 12.80
CA LEU A 40 -1.81 -10.90 11.42
C LEU A 40 -0.43 -10.45 10.97
N SER A 41 0.04 -10.94 9.83
CA SER A 41 1.31 -10.52 9.26
C SER A 41 1.10 -9.72 7.99
N TYR A 42 1.81 -8.59 7.89
CA TYR A 42 1.84 -7.76 6.69
C TYR A 42 3.22 -7.79 6.04
N ALA A 43 3.94 -8.89 6.20
CA ALA A 43 5.29 -9.05 5.64
C ALA A 43 5.33 -8.95 4.10
N GLY A 44 4.23 -9.33 3.45
CA GLY A 44 4.14 -9.26 1.99
C GLY A 44 4.07 -7.85 1.44
N THR A 45 3.72 -6.88 2.28
CA THR A 45 3.68 -5.48 1.91
C THR A 45 4.56 -4.63 2.82
N PRO A 46 5.88 -4.64 2.61
CA PRO A 46 6.75 -3.82 3.45
C PRO A 46 6.42 -2.35 3.34
N VAL A 47 6.59 -1.62 4.43
CA VAL A 47 6.29 -0.20 4.50
C VAL A 47 7.60 0.54 4.76
N ASN A 48 7.80 1.64 4.04
CA ASN A 48 9.02 2.42 4.17
C ASN A 48 8.86 3.57 5.17
N ILE A 49 9.75 3.60 6.15
CA ILE A 49 9.80 4.66 7.15
C ILE A 49 10.93 5.61 6.74
N PRO A 50 10.59 6.87 6.45
CA PRO A 50 11.57 7.79 5.87
C PRO A 50 12.71 8.26 6.81
N SER A 51 12.45 8.24 8.10
CA SER A 51 13.41 8.70 9.10
C SER A 51 13.12 8.08 10.46
N SER A 52 14.16 7.84 11.25
CA SER A 52 13.99 7.29 12.58
C SER A 52 13.30 8.30 13.48
N GLY A 53 12.35 7.83 14.29
CA GLY A 53 11.66 8.70 15.21
C GLY A 53 10.25 8.25 15.52
N SER A 54 9.46 9.19 16.01
CA SER A 54 8.11 8.96 16.49
C SER A 54 7.11 8.90 15.34
N TYR A 55 6.30 7.83 15.34
CA TYR A 55 5.19 7.65 14.41
C TYR A 55 3.91 7.38 15.19
N LEU A 56 2.80 7.89 14.67
CA LEU A 56 1.48 7.64 15.23
C LEU A 56 0.83 6.48 14.48
N ILE A 57 0.46 5.43 15.20
CA ILE A 57 -0.22 4.27 14.62
C ILE A 57 -1.67 4.35 15.04
N GLU A 58 -2.56 4.29 14.06
CA GLU A 58 -4.00 4.32 14.25
C GLU A 58 -4.61 2.98 13.89
N TYR A 59 -5.63 2.57 14.64
CA TYR A 59 -6.35 1.32 14.41
C TYR A 59 -7.83 1.60 14.39
N ARG A 60 -8.51 1.12 13.35
CA ARG A 60 -9.95 1.27 13.21
C ARG A 60 -10.56 -0.01 13.77
N VAL A 61 -11.22 0.13 14.92
CA VAL A 61 -11.64 -1.00 15.75
C VAL A 61 -13.12 -0.93 16.16
N ALA A 62 -13.67 -2.10 16.45
CA ALA A 62 -15.02 -2.22 17.00
C ALA A 62 -14.98 -3.32 18.07
N SER A 63 -15.73 -3.14 19.14
CA SER A 63 -15.73 -4.10 20.24
C SER A 63 -17.04 -4.02 21.03
N GLN A 64 -17.70 -5.16 21.18
CA GLN A 64 -18.96 -5.21 21.93
C GLN A 64 -18.74 -4.95 23.42
N ASN A 65 -17.77 -5.65 24.00
CA ASN A 65 -17.60 -5.68 25.46
C ASN A 65 -16.29 -5.10 25.99
N GLY A 66 -15.39 -4.72 25.10
CA GLY A 66 -14.08 -4.23 25.49
C GLY A 66 -13.18 -5.35 25.98
N GLY A 67 -12.07 -4.99 26.62
CA GLY A 67 -11.17 -5.95 27.25
C GLY A 67 -10.01 -6.41 26.38
N GLY A 68 -10.02 -6.02 25.11
CA GLY A 68 -8.99 -6.42 24.16
C GLY A 68 -7.70 -5.63 24.26
N SER A 69 -6.64 -6.20 23.71
CA SER A 69 -5.37 -5.50 23.55
C SER A 69 -4.56 -6.14 22.43
N LEU A 70 -3.68 -5.35 21.81
CA LEU A 70 -2.79 -5.86 20.78
C LEU A 70 -1.38 -5.33 20.96
N THR A 71 -0.46 -6.03 20.30
CA THR A 71 0.94 -5.66 20.19
C THR A 71 1.27 -5.41 18.73
N PHE A 72 1.85 -4.25 18.43
CA PHE A 72 2.30 -3.87 17.09
C PHE A 72 3.80 -4.11 17.08
N GLU A 73 4.27 -4.84 16.07
CA GLU A 73 5.63 -5.37 16.07
C GLU A 73 6.10 -5.60 14.64
N GLU A 74 7.32 -6.12 14.47
CA GLU A 74 7.72 -6.63 13.18
C GLU A 74 7.18 -8.03 13.05
N ALA A 75 6.84 -8.41 11.83
CA ALA A 75 6.38 -9.77 11.53
C ALA A 75 7.39 -10.77 12.06
N GLY A 76 6.91 -11.78 12.77
CA GLY A 76 7.76 -12.74 13.44
C GLY A 76 7.87 -12.55 14.95
N GLY A 77 7.57 -11.34 15.43
CA GLY A 77 7.50 -11.09 16.87
C GLY A 77 8.43 -10.05 17.46
N ALA A 78 9.50 -9.70 16.77
CA ALA A 78 10.51 -8.80 17.32
C ALA A 78 11.23 -7.99 16.23
N PRO A 79 11.59 -6.73 16.49
CA PRO A 79 11.26 -5.99 17.72
C PRO A 79 9.80 -5.58 17.84
N VAL A 80 9.36 -5.45 19.09
CA VAL A 80 8.04 -4.95 19.42
C VAL A 80 8.09 -3.43 19.44
N HIS A 81 7.11 -2.79 18.80
CA HIS A 81 7.00 -1.33 18.75
C HIS A 81 6.09 -0.74 19.84
N GLY A 82 4.98 -1.39 20.13
CA GLY A 82 4.06 -0.85 21.14
C GLY A 82 2.84 -1.71 21.36
N THR A 83 2.09 -1.36 22.40
CA THR A 83 0.85 -2.04 22.77
C THR A 83 -0.26 -1.03 22.94
N ILE A 84 -1.50 -1.49 22.80
CA ILE A 84 -2.64 -0.61 22.95
C ILE A 84 -3.85 -1.40 23.44
N ALA A 85 -4.60 -0.80 24.36
CA ALA A 85 -5.87 -1.34 24.83
C ALA A 85 -6.99 -0.97 23.86
N ILE A 86 -7.91 -1.89 23.63
CA ILE A 86 -9.04 -1.66 22.73
C ILE A 86 -10.31 -1.52 23.54
N PRO A 87 -10.91 -0.33 23.52
CA PRO A 87 -12.09 -0.05 24.32
C PRO A 87 -13.36 -0.66 23.76
N ALA A 88 -14.39 -0.82 24.59
CA ALA A 88 -15.73 -1.12 24.10
C ALA A 88 -16.20 0.06 23.26
N THR A 89 -16.83 -0.24 22.13
CA THR A 89 -17.35 0.78 21.23
C THR A 89 -18.87 0.80 21.13
N GLY A 90 -19.53 -0.22 21.66
CA GLY A 90 -20.99 -0.32 21.63
C GLY A 90 -21.49 -1.50 20.84
N GLY A 91 -20.65 -2.02 19.94
CA GLY A 91 -21.06 -3.15 19.12
C GLY A 91 -19.97 -3.62 18.17
N TRP A 92 -20.19 -4.79 17.59
CA TRP A 92 -19.24 -5.41 16.68
C TRP A 92 -19.04 -4.66 15.37
N GLN A 93 -20.00 -3.80 15.00
CA GLN A 93 -19.85 -2.95 13.82
C GLN A 93 -20.09 -1.48 14.18
N THR A 94 -19.74 -1.10 15.41
CA THR A 94 -19.70 0.30 15.82
C THR A 94 -18.23 0.64 15.92
N TRP A 95 -17.77 1.53 15.03
CA TRP A 95 -16.36 1.73 14.77
C TRP A 95 -15.81 3.03 15.34
N THR A 96 -14.56 2.96 15.79
CA THR A 96 -13.84 4.13 16.26
C THR A 96 -12.36 3.97 15.93
N THR A 97 -11.64 5.07 15.91
CA THR A 97 -10.22 5.05 15.63
C THR A 97 -9.46 5.34 16.92
N ILE A 98 -8.57 4.42 17.29
CA ILE A 98 -7.70 4.60 18.45
C ILE A 98 -6.26 4.79 17.96
N GLN A 99 -5.40 5.30 18.82
CA GLN A 99 -4.04 5.61 18.39
C GLN A 99 -3.03 5.57 19.54
N HIS A 100 -1.79 5.29 19.17
CA HIS A 100 -0.64 5.48 20.05
C HIS A 100 0.59 5.83 19.27
N THR A 101 1.63 6.25 19.97
CA THR A 101 2.92 6.52 19.35
C THR A 101 3.91 5.40 19.63
N VAL A 102 4.81 5.20 18.68
CA VAL A 102 5.91 4.27 18.79
C VAL A 102 7.13 4.89 18.13
N ASN A 103 8.31 4.40 18.49
CA ASN A 103 9.54 4.71 17.77
C ASN A 103 9.75 3.70 16.66
N LEU A 104 10.14 4.17 15.48
CA LEU A 104 10.49 3.31 14.37
C LEU A 104 11.81 3.74 13.77
N SER A 105 12.64 2.76 13.44
CA SER A 105 13.87 3.01 12.71
C SER A 105 13.59 3.29 11.25
N ALA A 106 14.45 4.07 10.62
CA ALA A 106 14.33 4.33 9.18
C ALA A 106 14.56 3.05 8.39
N GLY A 107 13.85 2.92 7.27
CA GLY A 107 14.05 1.84 6.32
C GLY A 107 12.79 1.03 6.12
N SER A 108 12.95 -0.12 5.51
CA SER A 108 11.83 -0.99 5.17
C SER A 108 11.43 -1.82 6.37
N HIS A 109 10.13 -1.82 6.68
CA HIS A 109 9.56 -2.58 7.78
C HIS A 109 8.56 -3.60 7.28
N GLN A 110 8.52 -4.76 7.94
CA GLN A 110 7.50 -5.75 7.70
C GLN A 110 6.75 -5.86 9.01
N PHE A 111 5.54 -5.31 9.05
CA PHE A 111 4.80 -5.20 10.31
C PHE A 111 3.93 -6.43 10.59
N GLY A 112 3.62 -6.62 11.87
CA GLY A 112 2.69 -7.64 12.32
C GLY A 112 1.91 -7.16 13.53
N ILE A 113 0.78 -7.81 13.77
CA ILE A 113 -0.06 -7.54 14.94
C ILE A 113 -0.33 -8.85 15.66
N LYS A 114 -0.11 -8.86 16.97
CA LYS A 114 -0.43 -10.01 17.83
C LYS A 114 -1.55 -9.58 18.78
N ALA A 115 -2.61 -10.37 18.85
CA ALA A 115 -3.67 -10.13 19.83
C ALA A 115 -3.29 -10.73 21.18
N ASN A 116 -3.24 -9.88 22.20
CA ASN A 116 -2.94 -10.35 23.55
C ASN A 116 -4.22 -10.77 24.28
N ALA A 117 -5.32 -10.14 23.90
CA ALA A 117 -6.65 -10.48 24.41
C ALA A 117 -7.64 -10.16 23.32
N GLY A 118 -8.65 -11.00 23.14
CA GLY A 118 -9.64 -10.82 22.10
C GLY A 118 -10.77 -9.88 22.46
N GLY A 119 -11.86 -9.98 21.70
CA GLY A 119 -13.06 -9.21 21.94
C GLY A 119 -13.25 -8.03 21.02
N TRP A 120 -12.49 -7.98 19.90
CA TRP A 120 -12.52 -6.82 19.01
C TRP A 120 -12.36 -7.25 17.55
N ASN A 121 -12.80 -6.36 16.67
CA ASN A 121 -12.67 -6.45 15.21
C ASN A 121 -11.72 -5.35 14.74
N LEU A 122 -11.07 -5.56 13.60
CA LEU A 122 -10.11 -4.61 13.04
C LEU A 122 -10.36 -4.39 11.54
N ASN A 123 -10.59 -3.13 11.16
CA ASN A 123 -10.87 -2.78 9.77
C ASN A 123 -9.59 -2.42 9.00
N TRP A 124 -8.78 -1.54 9.57
CA TRP A 124 -7.54 -1.08 8.95
C TRP A 124 -6.61 -0.48 9.99
N ILE A 125 -5.36 -0.27 9.59
CA ILE A 125 -4.30 0.34 10.38
C ILE A 125 -3.72 1.48 9.54
N ARG A 126 -3.32 2.55 10.19
CA ARG A 126 -2.69 3.66 9.49
C ARG A 126 -1.45 4.12 10.25
N ILE A 127 -0.36 4.34 9.51
CA ILE A 127 0.88 4.84 10.08
C ILE A 127 1.05 6.28 9.60
N ASN A 128 1.28 7.19 10.54
CA ASN A 128 1.39 8.62 10.28
C ASN A 128 2.66 9.20 10.87
N LYS A 129 3.20 10.23 10.22
CA LYS A 129 4.25 11.06 10.80
C LYS A 129 3.68 11.85 11.98
N THR A 130 4.58 12.28 12.85
CA THR A 130 4.24 13.17 13.97
C THR A 130 4.85 14.54 13.68
N MET B 1 8.63 5.28 -30.78
CA MET B 1 10.04 5.05 -30.37
C MET B 1 10.15 5.00 -28.85
N VAL B 2 10.64 3.87 -28.36
CA VAL B 2 10.66 3.58 -26.93
C VAL B 2 11.90 4.18 -26.26
N ILE B 3 11.66 4.94 -25.20
CA ILE B 3 12.71 5.50 -24.36
C ILE B 3 13.12 4.51 -23.26
N ALA B 4 12.13 3.92 -22.59
CA ALA B 4 12.39 2.95 -21.54
C ALA B 4 11.16 2.09 -21.28
N THR B 5 11.39 0.82 -21.01
CA THR B 5 10.39 -0.08 -20.48
C THR B 5 10.85 -0.43 -19.07
N ILE B 6 9.93 -0.28 -18.10
CA ILE B 6 10.25 -0.53 -16.70
C ILE B 6 9.22 -1.50 -16.14
N GLN B 7 9.68 -2.68 -15.76
CA GLN B 7 8.81 -3.62 -15.06
C GLN B 7 8.52 -3.08 -13.67
N ALA B 8 7.25 -3.07 -13.28
CA ALA B 8 6.83 -2.38 -12.07
C ALA B 8 7.49 -2.91 -10.81
N GLU B 9 7.77 -4.21 -10.82
CA GLU B 9 8.42 -4.90 -9.71
C GLU B 9 9.92 -4.57 -9.54
N ASP B 10 10.52 -3.94 -10.55
CA ASP B 10 11.96 -3.65 -10.54
C ASP B 10 12.24 -2.29 -9.90
N HIS B 11 11.53 -2.00 -8.82
CA HIS B 11 11.74 -0.78 -8.03
C HIS B 11 12.94 -0.93 -7.11
N SER B 12 13.68 0.16 -6.92
CA SER B 12 14.78 0.20 -5.96
C SER B 12 14.30 0.44 -4.52
N GLN B 13 13.16 1.11 -4.39
CA GLN B 13 12.45 1.24 -3.10
C GLN B 13 10.96 1.26 -3.37
N GLN B 14 10.17 0.91 -2.36
CA GLN B 14 8.72 1.05 -2.43
C GLN B 14 8.14 1.13 -1.03
N SER B 15 6.85 1.46 -0.97
CA SER B 15 6.13 1.39 0.30
C SER B 15 4.72 0.88 0.09
N GLY B 16 4.36 -0.15 0.86
CA GLY B 16 2.99 -0.61 1.00
C GLY B 16 2.47 -1.62 0.01
N THR B 17 3.28 -2.01 -0.96
CA THR B 17 2.80 -2.87 -2.03
C THR B 17 3.39 -4.28 -1.96
N GLN B 18 2.77 -5.18 -2.72
CA GLN B 18 3.10 -6.60 -2.74
C GLN B 18 3.48 -7.03 -4.14
N GLN B 19 4.52 -7.86 -4.22
CA GLN B 19 4.92 -8.50 -5.48
C GLN B 19 4.12 -9.78 -5.63
N GLU B 20 3.59 -10.01 -6.82
CA GLU B 20 2.84 -11.25 -7.08
C GLU B 20 2.98 -11.70 -8.53
N THR B 21 2.67 -12.97 -8.77
CA THR B 21 2.74 -13.53 -10.10
C THR B 21 1.63 -12.98 -10.99
N THR B 22 1.97 -12.62 -12.22
CA THR B 22 0.98 -12.19 -13.21
C THR B 22 0.77 -13.24 -14.29
N THR B 23 -0.47 -13.34 -14.77
CA THR B 23 -0.81 -14.18 -15.92
C THR B 23 -0.96 -13.35 -17.20
N ASP B 24 -0.59 -12.07 -17.14
CA ASP B 24 -0.53 -11.25 -18.33
C ASP B 24 0.46 -11.84 -19.34
N THR B 25 0.33 -11.44 -20.59
CA THR B 25 1.27 -11.81 -21.65
C THR B 25 2.72 -11.59 -21.21
N GLY B 26 3.55 -12.62 -21.38
CA GLY B 26 4.95 -12.53 -21.02
C GLY B 26 5.24 -13.01 -19.62
N GLY B 27 4.19 -13.24 -18.84
CA GLY B 27 4.30 -13.70 -17.46
C GLY B 27 5.09 -12.76 -16.59
N GLY B 28 5.75 -13.32 -15.58
CA GLY B 28 6.57 -12.56 -14.66
C GLY B 28 5.78 -12.13 -13.44
N LYS B 29 5.96 -10.88 -13.03
CA LYS B 29 5.36 -10.35 -11.80
C LYS B 29 4.63 -9.05 -12.03
N ASN B 30 3.67 -8.75 -11.17
CA ASN B 30 3.09 -7.42 -11.08
C ASN B 30 3.09 -6.94 -9.65
N VAL B 31 2.89 -5.63 -9.49
CA VAL B 31 2.73 -5.01 -8.19
C VAL B 31 1.24 -4.98 -7.87
N GLY B 32 0.90 -5.31 -6.62
CA GLY B 32 -0.47 -5.29 -6.15
C GLY B 32 -0.61 -4.78 -4.72
N TYR B 33 -1.79 -4.98 -4.14
CA TYR B 33 -2.14 -4.45 -2.82
C TYR B 33 -1.77 -2.96 -2.70
N ILE B 34 -2.21 -2.20 -3.69
CA ILE B 34 -1.96 -0.76 -3.76
C ILE B 34 -3.07 0.01 -3.07
N ASP B 35 -2.70 0.85 -2.13
CA ASP B 35 -3.61 1.76 -1.43
C ASP B 35 -3.13 3.19 -1.65
N ALA B 36 -4.04 4.13 -1.46
CA ALA B 36 -3.66 5.54 -1.48
C ALA B 36 -2.49 5.79 -0.54
N GLY B 37 -1.46 6.47 -1.03
CA GLY B 37 -0.26 6.76 -0.27
C GLY B 37 0.90 5.81 -0.53
N ASP B 38 0.62 4.64 -1.11
CA ASP B 38 1.68 3.71 -1.47
C ASP B 38 2.49 4.28 -2.64
N TRP B 39 3.72 3.83 -2.78
CA TRP B 39 4.58 4.35 -3.83
C TRP B 39 5.67 3.39 -4.27
N LEU B 40 6.22 3.70 -5.44
CA LEU B 40 7.24 2.90 -6.11
C LEU B 40 8.32 3.86 -6.59
N SER B 41 9.58 3.54 -6.33
CA SER B 41 10.71 4.32 -6.81
C SER B 41 11.58 3.51 -7.75
N TYR B 42 11.97 4.13 -8.85
CA TYR B 42 12.88 3.54 -9.84
C TYR B 42 14.18 4.33 -9.90
N ALA B 43 14.57 4.93 -8.77
CA ALA B 43 15.78 5.73 -8.68
C ALA B 43 17.06 4.94 -8.94
N GLY B 44 17.04 3.65 -8.66
CA GLY B 44 18.20 2.80 -8.87
C GLY B 44 18.56 2.57 -10.33
N THR B 45 17.61 2.87 -11.23
CA THR B 45 17.82 2.75 -12.68
C THR B 45 17.44 4.05 -13.38
N PRO B 46 18.31 5.06 -13.31
CA PRO B 46 18.00 6.35 -13.93
C PRO B 46 17.82 6.19 -15.44
N VAL B 47 16.89 6.96 -15.98
CA VAL B 47 16.53 6.94 -17.40
C VAL B 47 16.89 8.27 -18.04
N ASN B 48 17.46 8.22 -19.24
CA ASN B 48 17.77 9.43 -19.98
C ASN B 48 16.61 9.88 -20.85
N ILE B 49 16.29 11.18 -20.78
CA ILE B 49 15.37 11.83 -21.70
C ILE B 49 16.21 12.64 -22.69
N PRO B 50 16.16 12.30 -23.97
CA PRO B 50 17.11 12.90 -24.94
C PRO B 50 16.86 14.35 -25.29
N SER B 51 15.62 14.82 -25.17
CA SER B 51 15.28 16.21 -25.44
C SER B 51 14.06 16.61 -24.66
N SER B 52 13.98 17.89 -24.30
CA SER B 52 12.83 18.41 -23.58
C SER B 52 11.60 18.42 -24.46
N GLY B 53 10.46 18.02 -23.91
CA GLY B 53 9.21 18.06 -24.64
C GLY B 53 8.24 16.98 -24.21
N SER B 54 7.31 16.67 -25.11
CA SER B 54 6.20 15.77 -24.82
C SER B 54 6.61 14.31 -24.93
N TYR B 55 6.23 13.52 -23.92
CA TYR B 55 6.43 12.08 -23.93
C TYR B 55 5.13 11.37 -23.58
N LEU B 56 4.93 10.20 -24.16
CA LEU B 56 3.75 9.38 -23.89
C LEU B 56 4.13 8.33 -22.87
N ILE B 57 3.44 8.31 -21.74
CA ILE B 57 3.67 7.30 -20.71
C ILE B 57 2.52 6.30 -20.73
N GLU B 58 2.86 5.02 -20.84
CA GLU B 58 1.90 3.92 -20.88
C GLU B 58 2.03 3.11 -19.59
N TYR B 59 0.90 2.62 -19.10
CA TYR B 59 0.84 1.78 -17.90
C TYR B 59 0.02 0.54 -18.20
N ARG B 60 0.57 -0.62 -17.87
CA ARG B 60 -0.11 -1.89 -18.05
C ARG B 60 -0.78 -2.22 -16.71
N VAL B 61 -2.11 -2.16 -16.69
CA VAL B 61 -2.87 -2.17 -15.43
C VAL B 61 -4.03 -3.14 -15.43
N ALA B 62 -4.46 -3.51 -14.23
CA ALA B 62 -5.65 -4.35 -13.99
C ALA B 62 -6.36 -3.83 -12.75
N SER B 63 -7.68 -3.91 -12.74
CA SER B 63 -8.47 -3.42 -11.62
C SER B 63 -9.83 -4.09 -11.59
N GLN B 64 -10.17 -4.73 -10.47
CA GLN B 64 -11.46 -5.39 -10.35
C GLN B 64 -12.61 -4.39 -10.39
N ASN B 65 -12.50 -3.31 -9.61
CA ASN B 65 -13.61 -2.40 -9.34
C ASN B 65 -13.43 -0.95 -9.81
N GLY B 66 -12.25 -0.61 -10.32
CA GLY B 66 -11.96 0.75 -10.73
C GLY B 66 -11.73 1.68 -9.56
N GLY B 67 -11.67 2.99 -9.84
CA GLY B 67 -11.55 4.02 -8.82
C GLY B 67 -10.13 4.46 -8.52
N GLY B 68 -9.15 3.79 -9.11
CA GLY B 68 -7.76 4.05 -8.82
C GLY B 68 -7.22 5.25 -9.57
N SER B 69 -6.11 5.80 -9.08
CA SER B 69 -5.40 6.86 -9.80
C SER B 69 -3.95 6.91 -9.32
N LEU B 70 -3.07 7.39 -10.18
CA LEU B 70 -1.66 7.55 -9.82
C LEU B 70 -1.09 8.87 -10.29
N THR B 71 0.02 9.22 -9.65
CA THR B 71 0.84 10.36 -10.02
C THR B 71 2.22 9.85 -10.46
N PHE B 72 2.64 10.26 -11.65
CA PHE B 72 3.95 9.96 -12.22
C PHE B 72 4.83 11.17 -11.97
N GLU B 73 6.01 10.94 -11.40
CA GLU B 73 6.82 12.02 -10.84
C GLU B 73 8.29 11.58 -10.79
N GLU B 74 9.14 12.42 -10.21
CA GLU B 74 10.49 11.99 -9.86
C GLU B 74 10.44 11.32 -8.49
N ALA B 75 11.34 10.39 -8.25
CA ALA B 75 11.51 9.77 -6.95
C ALA B 75 11.68 10.87 -5.90
N GLY B 76 10.94 10.78 -4.81
CA GLY B 76 10.95 11.80 -3.78
C GLY B 76 9.76 12.74 -3.79
N GLY B 77 9.09 12.90 -4.93
CA GLY B 77 7.83 13.63 -4.99
C GLY B 77 7.74 14.85 -5.89
N ALA B 78 8.87 15.39 -6.34
CA ALA B 78 8.86 16.59 -7.20
C ALA B 78 10.08 16.63 -8.14
N PRO B 79 9.92 17.14 -9.36
CA PRO B 79 8.63 17.59 -9.91
C PRO B 79 7.68 16.48 -10.32
N VAL B 80 6.40 16.79 -10.25
CA VAL B 80 5.34 15.93 -10.72
C VAL B 80 5.14 16.12 -12.22
N HIS B 81 5.02 15.01 -12.95
CA HIS B 81 4.85 15.03 -14.41
C HIS B 81 3.40 14.91 -14.85
N GLY B 82 2.62 14.08 -14.18
CA GLY B 82 1.22 13.91 -14.56
C GLY B 82 0.45 12.93 -13.72
N THR B 83 -0.86 12.89 -13.93
CA THR B 83 -1.75 11.98 -13.22
C THR B 83 -2.62 11.24 -14.23
N ILE B 84 -3.14 10.11 -13.81
CA ILE B 84 -3.98 9.30 -14.68
C ILE B 84 -4.94 8.46 -13.85
N ALA B 85 -6.18 8.37 -14.31
CA ALA B 85 -7.19 7.50 -13.73
C ALA B 85 -7.04 6.08 -14.26
N ILE B 86 -7.26 5.12 -13.38
CA ILE B 86 -7.11 3.71 -13.73
C ILE B 86 -8.50 3.08 -13.78
N PRO B 87 -8.92 2.64 -14.96
CA PRO B 87 -10.29 2.14 -15.14
C PRO B 87 -10.47 0.74 -14.58
N ALA B 88 -11.71 0.35 -14.32
CA ALA B 88 -12.02 -1.05 -14.06
C ALA B 88 -11.74 -1.83 -15.34
N THR B 89 -11.10 -2.99 -15.20
CA THR B 89 -10.80 -3.86 -16.32
C THR B 89 -11.58 -5.18 -16.25
N GLY B 90 -12.26 -5.43 -15.14
CA GLY B 90 -13.07 -6.63 -14.97
C GLY B 90 -12.47 -7.64 -13.98
N GLY B 91 -11.17 -7.56 -13.76
CA GLY B 91 -10.50 -8.49 -12.88
C GLY B 91 -9.08 -8.09 -12.52
N TRP B 92 -8.59 -8.68 -11.44
CA TRP B 92 -7.23 -8.41 -10.94
C TRP B 92 -6.14 -8.89 -11.88
N GLN B 93 -6.45 -9.80 -12.80
CA GLN B 93 -5.50 -10.26 -13.80
C GLN B 93 -6.09 -10.17 -15.21
N THR B 94 -6.97 -9.19 -15.39
CA THR B 94 -7.46 -8.79 -16.70
C THR B 94 -6.78 -7.45 -17.03
N TRP B 95 -5.91 -7.46 -18.03
CA TRP B 95 -4.95 -6.38 -18.27
C TRP B 95 -5.31 -5.51 -19.46
N THR B 96 -4.97 -4.22 -19.33
CA THR B 96 -5.11 -3.26 -20.41
C THR B 96 -4.01 -2.22 -20.32
N THR B 97 -3.72 -1.54 -21.42
CA THR B 97 -2.72 -0.49 -21.42
C THR B 97 -3.41 0.87 -21.52
N ILE B 98 -3.10 1.76 -20.58
CA ILE B 98 -3.61 3.12 -20.59
C ILE B 98 -2.44 4.05 -20.81
N GLN B 99 -2.73 5.31 -21.16
CA GLN B 99 -1.67 6.23 -21.51
C GLN B 99 -2.07 7.69 -21.30
N HIS B 100 -1.05 8.51 -21.09
CA HIS B 100 -1.18 9.97 -21.09
C HIS B 100 0.11 10.62 -21.54
N THR B 101 0.05 11.92 -21.79
CA THR B 101 1.24 12.70 -22.11
C THR B 101 1.67 13.58 -20.96
N VAL B 102 2.96 13.78 -20.87
CA VAL B 102 3.57 14.68 -19.90
C VAL B 102 4.73 15.41 -20.58
N ASN B 103 5.10 16.57 -20.03
CA ASN B 103 6.35 17.22 -20.40
C ASN B 103 7.48 16.68 -19.54
N LEU B 104 8.62 16.36 -20.16
CA LEU B 104 9.82 15.99 -19.44
C LEU B 104 11.01 16.82 -19.93
N SER B 105 11.85 17.24 -19.00
CA SER B 105 13.07 17.95 -19.32
C SER B 105 14.16 16.97 -19.77
N ALA B 106 15.06 17.44 -20.62
CA ALA B 106 16.19 16.64 -21.08
C ALA B 106 17.09 16.30 -19.91
N GLY B 107 17.68 15.11 -19.95
CA GLY B 107 18.69 14.71 -18.98
C GLY B 107 18.31 13.45 -18.23
N SER B 108 18.99 13.20 -17.12
CA SER B 108 18.78 12.00 -16.33
C SER B 108 17.59 12.20 -15.41
N HIS B 109 16.74 11.18 -15.35
CA HIS B 109 15.58 11.16 -14.48
C HIS B 109 15.62 9.93 -13.60
N GLN B 110 15.10 10.09 -12.39
CA GLN B 110 14.85 8.99 -11.47
C GLN B 110 13.35 9.03 -11.22
N PHE B 111 12.61 8.14 -11.88
CA PHE B 111 11.16 8.19 -11.86
C PHE B 111 10.56 7.52 -10.62
N GLY B 112 9.35 7.92 -10.30
CA GLY B 112 8.58 7.38 -9.20
C GLY B 112 7.09 7.47 -9.50
N ILE B 113 6.33 6.64 -8.80
CA ILE B 113 4.88 6.60 -8.92
C ILE B 113 4.30 6.63 -7.51
N LYS B 114 3.36 7.54 -7.26
CA LYS B 114 2.57 7.52 -6.04
C LYS B 114 1.10 7.22 -6.38
N ALA B 115 0.52 6.29 -5.65
CA ALA B 115 -0.90 6.00 -5.75
C ALA B 115 -1.73 7.05 -5.01
N ASN B 116 -2.65 7.70 -5.70
CA ASN B 116 -3.58 8.65 -5.07
C ASN B 116 -4.87 7.98 -4.60
N ALA B 117 -5.20 6.87 -5.24
CA ALA B 117 -6.31 6.01 -4.83
C ALA B 117 -5.93 4.59 -5.23
N GLY B 118 -6.29 3.62 -4.40
CA GLY B 118 -5.89 2.25 -4.61
C GLY B 118 -6.84 1.44 -5.48
N GLY B 119 -6.70 0.12 -5.42
CA GLY B 119 -7.62 -0.79 -6.08
C GLY B 119 -7.21 -1.22 -7.47
N TRP B 120 -5.91 -1.19 -7.75
CA TRP B 120 -5.37 -1.59 -9.05
C TRP B 120 -4.02 -2.30 -8.91
N ASN B 121 -3.65 -3.00 -9.98
CA ASN B 121 -2.37 -3.69 -10.12
C ASN B 121 -1.60 -3.10 -11.29
N LEU B 122 -0.27 -3.22 -11.26
CA LEU B 122 0.61 -2.63 -12.27
C LEU B 122 1.67 -3.63 -12.69
N ASN B 123 1.75 -3.91 -13.98
CA ASN B 123 2.71 -4.88 -14.54
C ASN B 123 4.00 -4.20 -14.97
N TRP B 124 3.87 -3.14 -15.77
CA TRP B 124 5.02 -2.38 -16.28
C TRP B 124 4.59 -0.99 -16.73
N ILE B 125 5.59 -0.14 -16.98
CA ILE B 125 5.41 1.21 -17.50
C ILE B 125 6.31 1.35 -18.73
N ARG B 126 5.89 2.17 -19.68
CA ARG B 126 6.70 2.42 -20.86
C ARG B 126 6.66 3.89 -21.22
N ILE B 127 7.83 4.46 -21.47
CA ILE B 127 7.98 5.85 -21.87
C ILE B 127 8.33 5.88 -23.35
N ASN B 128 7.60 6.70 -24.11
CA ASN B 128 7.75 6.77 -25.55
C ASN B 128 7.88 8.21 -26.01
N LYS B 129 8.65 8.47 -27.06
CA LYS B 129 8.61 9.82 -27.61
C LYS B 129 7.34 9.99 -28.43
N THR B 130 6.98 11.25 -28.69
CA THR B 130 5.80 11.59 -29.46
C THR B 130 6.21 12.09 -30.84
C2 BGC C . 4.95 -14.48 8.80
C3 BGC C . 5.30 -14.24 10.26
C4 BGC C . 4.98 -15.46 11.16
C5 BGC C . 5.62 -16.76 10.66
C6 BGC C . 5.21 -17.95 11.51
O1 BGC C . 4.26 -16.50 6.90
O2 BGC C . 5.27 -13.41 7.95
O3 BGC C . 4.54 -13.13 10.72
O4 BGC C . 5.45 -15.24 12.48
O5 BGC C . 5.25 -17.01 9.32
O6 BGC C . 5.59 -19.14 10.87
C2 BGC C . 4.90 -15.29 14.81
C3 BGC C . 4.02 -14.69 15.91
C4 BGC C . 3.91 -13.19 15.71
C5 BGC C . 3.37 -12.92 14.32
C6 BGC C . 3.05 -11.45 14.03
C1 BGC C . 4.45 -14.83 13.41
O2 BGC C . 4.85 -16.70 14.87
O3 BGC C . 4.59 -14.96 17.16
O4 BGC C . 3.04 -12.66 16.70
O5 BGC C . 4.30 -13.41 13.37
O6 BGC C . 4.24 -10.68 14.04
C2 BGC D . 13.43 6.74 -2.70
C3 BGC D . 12.36 7.82 -2.84
C4 BGC D . 11.62 7.97 -1.51
C5 BGC D . 12.58 8.10 -0.32
C6 BGC D . 11.81 7.99 0.99
C1 BGC D . 14.36 7.17 -1.56
O1 BGC D . 15.49 6.33 -1.49
O2 BGC D . 14.15 6.54 -3.91
O3 BGC D . 11.47 7.48 -3.87
O4 BGC D . 10.80 9.13 -1.52
O5 BGC D . 13.61 7.12 -0.37
O6 BGC D . 12.66 7.66 2.07
C2 BGC D . 8.57 9.99 -1.27
C3 BGC D . 7.13 9.91 -1.72
C4 BGC D . 7.10 9.78 -3.24
C5 BGC D . 7.90 8.54 -3.63
C6 BGC D . 7.84 8.22 -5.12
C1 BGC D . 9.43 8.85 -1.84
O2 BGC D . 8.63 9.95 0.15
O3 BGC D . 6.42 11.07 -1.33
O4 BGC D . 5.77 9.65 -3.68
O5 BGC D . 9.24 8.73 -3.23
O6 BGC D . 8.19 9.34 -5.89
C2 BGC E . -7.74 -8.65 -0.95
C2 BGC E . -8.45 -8.74 0.08
C3 BGC E . -9.05 -8.44 -0.21
C3 BGC E . -7.11 -8.66 -0.64
C4 BGC E . -9.54 -7.00 -0.27
C4 BGC E . -7.24 -7.79 -1.89
C5 BGC E . -9.50 -6.49 -1.70
C5 BGC E . -7.84 -6.44 -1.49
C6 BGC E . -10.02 -5.07 -1.85
C6 BGC E . -7.98 -5.48 -2.67
C1 BGC E . -7.66 -7.88 -2.25
C1 BGC E . -9.06 -7.36 0.28
O1 BGC E . -10.38 -7.52 0.76
O2 BGC E . -7.60 -10.03 -1.22
O2 BGC E . -8.24 -9.33 1.33
O3 BGC E . -8.86 -8.82 1.13
O3 BGC E . -6.65 -9.95 -0.97
O4 BGC E . -10.86 -6.94 0.24
O4 BGC E . -5.92 -7.61 -2.33
O5 BGC E . -8.16 -6.57 -2.14
O5 BGC E . -9.11 -6.66 -0.94
O6 BGC E . -8.95 -4.15 -1.91
O6 BGC E . -9.25 -4.84 -2.68
C2 BGC E . -4.59 -7.28 -5.81
C2 BGC E . -4.84 -6.99 -4.27
C3 BGC E . -5.01 -7.04 -4.37
C3 BGC E . -4.39 -7.39 -5.67
C4 BGC E . -6.13 -7.97 -3.97
C4 BGC E . -4.32 -8.91 -5.78
C5 BGC E . -5.80 -9.41 -4.34
C5 BGC E . -5.69 -9.49 -5.44
C6 BGC E . -6.94 -10.37 -3.97
C6 BGC E . -5.77 -11.00 -5.67
C1 BGC E . -4.39 -8.76 -6.09
C1 BGC E . -6.00 -7.82 -3.75
O1 BGC E . -4.16 -8.93 -7.47
O2 BGC E . -3.39 -6.61 -6.05
O2 BGC E . -5.21 -5.62 -4.29
O3 BGC E . -5.41 -5.70 -4.19
O3 BGC E . -3.13 -6.79 -5.88
O4 BGC E . -6.27 -7.87 -2.59
O4 BGC E . -3.87 -9.30 -7.07
O5 BGC E . -5.54 -9.48 -5.73
O5 BGC E . -5.92 -9.20 -4.07
O6 BGC E . -7.00 -11.43 -4.90
O6 BGC E . -5.37 -11.71 -4.51
CA CA F . -10.93 -3.30 5.99
CA CA G . -9.71 -16.59 16.77
CA CA H . -0.87 -1.41 0.26
CA CA I . 5.97 -6.97 -14.51
#